data_9NFP
#
_entry.id   9NFP
#
_cell.length_a   67.727
_cell.length_b   68.427
_cell.length_c   138.082
_cell.angle_alpha   90.000
_cell.angle_beta   90.000
_cell.angle_gamma   90.000
#
_symmetry.space_group_name_H-M   'P 21 21 21'
#
loop_
_entity.id
_entity.type
_entity.pdbx_description
1 polymer 'Guanine-N7 methyltransferase nsp14'
2 non-polymer 'ZINC ION'
3 non-polymer 'PHOSPHATE ION'
4 non-polymer N-[(4-cyclopropyl-1,3-thiazol-2-yl)methyl]-1H-pyrazole-3-carboxamide
5 water water
#
_entity_poly.entity_id   1
_entity_poly.type   'polypeptide(L)'
_entity_poly.pdbx_seq_one_letter_code
;SMLFKDCSKVITGLHPTQAPTHLSVDTKFKTEGLCVDIPGIPKDMTYRRLISMMGFKMNYQVNGYPNMFITREEAIRHVR
AWIGFDVEGCHATREAVGTNLPLQLGFSTGVNLVAVPTGYVDTPNNTDFSRVSAKPPPGDQFKHLIPLMYKGLPWNVVRI
KIVQMLSDTLKNLSDRVVFVLWAHGFELTSMKYFVKIGPERTCCLCDRRATCFSTASDTYACWHHSIGFDYVYNPFMIDV
QQWGFTGNLQSNHDLYCQVHGNAHVASCDAIMTRCLAVHECFVKRVDWTIEYPIIGDELKINAACRKVQHMVVKAALLAD
KFPVLHDIGNPKAIKCVPQADVEWKFYDAQPCSDKAYKIEELFYSYATHSDKFTDGVCLFWNCNVDRYPANSIVCRFDTR
VLSNLNLPGCDGGSLYVNKHAFHTPAFDKSAFVNLKQLPFFYYSDSPCESHGKQVVSDIDYVPLKSATCITRCNLGGAVC
RHHANEYRLYLDAYNMMISAGFSLWVYKQFDTYNLWNTFTRLQ
;
_entity_poly.pdbx_strand_id   A
#
# COMPACT_ATOMS: atom_id res chain seq x y z
N LEU A 23 -24.75 -3.08 2.79
CA LEU A 23 -25.16 -4.48 2.65
C LEU A 23 -26.42 -4.71 3.48
N SER A 24 -27.53 -5.05 2.82
CA SER A 24 -28.79 -5.30 3.51
C SER A 24 -28.66 -6.51 4.41
N VAL A 25 -29.20 -6.40 5.63
CA VAL A 25 -29.16 -7.53 6.56
C VAL A 25 -30.03 -8.66 6.05
N ASP A 26 -30.97 -8.37 5.15
CA ASP A 26 -31.81 -9.40 4.56
C ASP A 26 -31.13 -10.11 3.40
N THR A 27 -29.93 -9.67 3.00
CA THR A 27 -29.17 -10.40 1.99
C THR A 27 -28.82 -11.79 2.50
N LYS A 28 -28.76 -12.74 1.57
CA LYS A 28 -28.53 -14.14 1.91
C LYS A 28 -27.05 -14.41 2.12
N PHE A 29 -26.75 -15.24 3.11
CA PHE A 29 -25.40 -15.65 3.44
C PHE A 29 -25.28 -17.14 3.16
N LYS A 30 -24.31 -17.51 2.33
CA LYS A 30 -24.11 -18.91 2.01
C LYS A 30 -23.40 -19.60 3.17
N THR A 31 -24.02 -20.64 3.71
CA THR A 31 -23.60 -21.23 4.97
C THR A 31 -22.79 -22.52 4.81
N GLU A 32 -22.55 -22.98 3.58
CA GLU A 32 -21.90 -24.27 3.41
C GLU A 32 -20.52 -24.28 4.04
N GLY A 33 -19.80 -23.16 3.94
CA GLY A 33 -18.48 -23.07 4.54
C GLY A 33 -18.48 -23.21 6.05
N LEU A 34 -19.64 -23.02 6.69
CA LEU A 34 -19.70 -23.01 8.15
C LEU A 34 -20.13 -24.34 8.73
N CYS A 35 -20.57 -25.30 7.90
CA CYS A 35 -21.28 -26.46 8.41
C CYS A 35 -20.38 -27.51 9.03
N VAL A 36 -19.06 -27.41 8.89
CA VAL A 36 -18.21 -28.38 9.59
C VAL A 36 -18.03 -27.96 11.04
N ASP A 37 -17.83 -26.66 11.29
CA ASP A 37 -17.79 -26.18 12.67
C ASP A 37 -19.19 -26.09 13.28
N ILE A 38 -20.20 -25.86 12.45
CA ILE A 38 -21.58 -25.71 12.92
C ILE A 38 -22.45 -26.70 12.17
N PRO A 39 -22.40 -27.99 12.51
CA PRO A 39 -23.20 -28.98 11.78
C PRO A 39 -24.69 -28.74 11.98
N GLY A 40 -25.43 -28.81 10.87
CA GLY A 40 -26.86 -28.59 10.84
C GLY A 40 -27.28 -27.16 10.58
N ILE A 41 -26.33 -26.26 10.31
CA ILE A 41 -26.66 -24.86 10.05
C ILE A 41 -27.66 -24.79 8.89
N PRO A 42 -28.71 -23.99 8.99
CA PRO A 42 -29.65 -23.90 7.87
C PRO A 42 -28.98 -23.41 6.59
N LYS A 43 -29.38 -23.99 5.46
CA LYS A 43 -28.91 -23.49 4.17
C LYS A 43 -29.45 -22.10 3.88
N ASP A 44 -30.69 -21.82 4.31
CA ASP A 44 -31.32 -20.52 4.13
C ASP A 44 -30.96 -19.65 5.32
N MET A 45 -30.22 -18.57 5.07
CA MET A 45 -29.71 -17.71 6.14
C MET A 45 -29.49 -16.31 5.62
N THR A 46 -29.94 -15.33 6.37
CA THR A 46 -29.68 -13.93 6.12
C THR A 46 -28.60 -13.45 7.08
N TYR A 47 -28.03 -12.29 6.76
CA TYR A 47 -27.11 -11.66 7.69
C TYR A 47 -27.80 -11.33 9.00
N ARG A 48 -29.05 -10.88 8.94
CA ARG A 48 -29.82 -10.64 10.16
C ARG A 48 -29.78 -11.84 11.09
N ARG A 49 -30.08 -13.03 10.56
CA ARG A 49 -30.10 -14.23 11.37
C ARG A 49 -28.69 -14.61 11.84
N LEU A 50 -27.71 -14.50 10.94
CA LEU A 50 -26.32 -14.81 11.30
C LEU A 50 -25.86 -13.95 12.49
N ILE A 51 -26.13 -12.65 12.42
CA ILE A 51 -25.72 -11.76 13.51
C ILE A 51 -26.38 -12.18 14.82
N SER A 52 -27.67 -12.55 14.77
CA SER A 52 -28.34 -13.03 15.98
C SER A 52 -27.68 -14.31 16.49
N MET A 53 -27.34 -15.23 15.59
CA MET A 53 -26.66 -16.45 16.00
C MET A 53 -25.27 -16.15 16.55
N MET A 54 -24.65 -15.05 16.11
CA MET A 54 -23.38 -14.64 16.66
C MET A 54 -23.51 -14.02 18.04
N GLY A 55 -24.74 -13.89 18.54
CA GLY A 55 -24.97 -13.40 19.88
C GLY A 55 -25.11 -11.90 19.99
N PHE A 56 -25.35 -11.22 18.89
CA PHE A 56 -25.49 -9.77 18.87
C PHE A 56 -26.94 -9.35 18.63
N TYR A 65 -24.62 2.12 11.93
CA TYR A 65 -24.13 0.75 12.01
C TYR A 65 -25.27 -0.20 11.61
N PRO A 66 -25.62 -0.21 10.32
CA PRO A 66 -26.78 -1.03 9.89
C PRO A 66 -26.46 -2.52 9.80
N ASN A 67 -25.18 -2.88 9.65
CA ASN A 67 -24.79 -4.26 9.41
C ASN A 67 -23.34 -4.40 9.83
N MET A 68 -23.04 -5.53 10.48
CA MET A 68 -21.64 -5.80 10.82
C MET A 68 -20.84 -6.16 9.56
N PHE A 69 -21.49 -6.76 8.59
CA PHE A 69 -20.84 -7.17 7.36
C PHE A 69 -21.02 -6.09 6.32
N ILE A 70 -20.09 -6.05 5.36
CA ILE A 70 -20.04 -4.98 4.37
C ILE A 70 -19.87 -5.57 2.98
N THR A 71 -20.23 -4.76 1.98
CA THR A 71 -20.08 -5.15 0.59
C THR A 71 -18.62 -5.11 0.18
N ARG A 72 -18.33 -5.75 -0.96
CA ARG A 72 -16.97 -5.69 -1.49
C ARG A 72 -16.59 -4.25 -1.83
N GLU A 73 -17.55 -3.49 -2.35
CA GLU A 73 -17.30 -2.09 -2.67
C GLU A 73 -16.93 -1.29 -1.43
N GLU A 74 -17.68 -1.45 -0.34
CA GLU A 74 -17.29 -0.78 0.90
C GLU A 74 -15.95 -1.30 1.41
N ALA A 75 -15.72 -2.60 1.31
CA ALA A 75 -14.44 -3.16 1.73
C ALA A 75 -13.28 -2.52 0.96
N ILE A 76 -13.43 -2.36 -0.35
CA ILE A 76 -12.35 -1.80 -1.16
C ILE A 76 -12.05 -0.37 -0.75
N ARG A 77 -13.07 0.42 -0.45
CA ARG A 77 -12.84 1.78 -0.02
C ARG A 77 -12.07 1.83 1.30
N HIS A 78 -12.18 0.77 2.11
CA HIS A 78 -11.55 0.73 3.43
C HIS A 78 -10.44 -0.31 3.48
N VAL A 79 -9.71 -0.48 2.38
CA VAL A 79 -8.66 -1.50 2.33
C VAL A 79 -7.64 -1.27 3.44
N ARG A 80 -7.38 -0.01 3.79
CA ARG A 80 -6.40 0.26 4.84
C ARG A 80 -6.82 -0.33 6.18
N ALA A 81 -8.10 -0.66 6.34
CA ALA A 81 -8.58 -1.21 7.60
C ALA A 81 -8.60 -2.73 7.62
N TRP A 82 -8.18 -3.39 6.54
CA TRP A 82 -8.31 -4.83 6.46
C TRP A 82 -7.36 -5.53 7.41
N ILE A 83 -7.91 -6.39 8.26
CA ILE A 83 -7.14 -7.28 9.12
C ILE A 83 -7.66 -8.69 8.87
N GLY A 84 -6.84 -9.55 8.29
CA GLY A 84 -7.21 -10.94 8.15
C GLY A 84 -7.34 -11.58 9.53
N PHE A 85 -8.33 -12.47 9.66
CA PHE A 85 -8.66 -13.04 10.96
C PHE A 85 -9.14 -14.47 10.79
N ASP A 86 -8.51 -15.39 11.51
CA ASP A 86 -8.83 -16.80 11.49
C ASP A 86 -8.85 -17.31 12.93
N VAL A 87 -9.74 -18.26 13.20
CA VAL A 87 -9.79 -18.95 14.49
C VAL A 87 -9.82 -20.45 14.21
N GLU A 88 -8.96 -21.19 14.88
CA GLU A 88 -8.83 -22.63 14.70
C GLU A 88 -9.05 -23.32 16.05
N GLY A 89 -9.83 -24.39 16.02
CA GLY A 89 -10.14 -25.13 17.23
C GLY A 89 -9.39 -26.44 17.34
N PRO A 102 -9.93 -24.96 23.72
CA PRO A 102 -8.95 -23.89 23.50
C PRO A 102 -8.85 -23.51 22.03
N LEU A 103 -8.86 -22.22 21.75
CA LEU A 103 -8.94 -21.70 20.39
C LEU A 103 -7.71 -20.86 20.09
N GLN A 104 -7.17 -21.04 18.88
CA GLN A 104 -6.08 -20.21 18.40
C GLN A 104 -6.62 -19.12 17.47
N LEU A 105 -6.44 -17.87 17.85
CA LEU A 105 -6.85 -16.73 17.05
C LEU A 105 -5.65 -16.21 16.27
N GLY A 106 -5.77 -16.13 14.96
CA GLY A 106 -4.70 -15.63 14.11
C GLY A 106 -5.12 -14.36 13.39
N PHE A 107 -4.19 -13.42 13.29
CA PHE A 107 -4.43 -12.15 12.62
C PHE A 107 -3.37 -11.95 11.55
N SER A 108 -3.73 -11.24 10.47
CA SER A 108 -2.78 -10.99 9.41
C SER A 108 -1.58 -10.16 9.85
N THR A 109 -1.58 -9.69 11.10
CA THR A 109 -0.39 -9.05 11.67
C THR A 109 0.69 -10.06 12.03
N GLY A 110 0.39 -11.36 11.94
CA GLY A 110 1.28 -12.42 12.34
C GLY A 110 1.05 -12.91 13.75
N VAL A 111 0.19 -12.26 14.51
CA VAL A 111 -0.02 -12.61 15.91
C VAL A 111 -0.95 -13.81 16.00
N ASN A 112 -0.58 -14.78 16.84
CA ASN A 112 -1.45 -15.87 17.25
C ASN A 112 -1.67 -15.75 18.75
N LEU A 113 -2.94 -15.71 19.15
CA LEU A 113 -3.32 -15.74 20.56
C LEU A 113 -4.11 -17.02 20.82
N VAL A 114 -3.91 -17.62 22.00
CA VAL A 114 -4.65 -18.80 22.41
C VAL A 114 -5.58 -18.38 23.54
N ALA A 115 -6.88 -18.65 23.36
CA ALA A 115 -7.90 -18.31 24.35
C ALA A 115 -8.46 -19.61 24.94
N VAL A 116 -8.55 -19.65 26.27
CA VAL A 116 -9.01 -20.85 26.97
C VAL A 116 -10.35 -20.60 27.63
N GLY A 152 -2.06 -20.14 26.43
CA GLY A 152 -3.50 -19.99 26.57
C GLY A 152 -3.89 -19.13 27.75
N LEU A 153 -4.84 -18.22 27.53
CA LEU A 153 -5.28 -17.26 28.53
C LEU A 153 -6.77 -17.03 28.36
N PRO A 154 -7.46 -16.63 29.43
CA PRO A 154 -8.92 -16.43 29.35
C PRO A 154 -9.28 -15.22 28.50
N TRP A 155 -10.53 -15.21 28.03
CA TRP A 155 -10.96 -14.20 27.09
C TRP A 155 -10.85 -12.79 27.68
N ASN A 156 -10.97 -12.66 29.00
CA ASN A 156 -10.97 -11.31 29.56
C ASN A 156 -9.61 -10.63 29.49
N VAL A 157 -8.54 -11.38 29.18
CA VAL A 157 -7.20 -10.81 28.96
C VAL A 157 -6.90 -10.81 27.47
N VAL A 158 -7.37 -11.86 26.77
CA VAL A 158 -7.16 -11.91 25.32
C VAL A 158 -7.75 -10.69 24.65
N ARG A 159 -8.93 -10.26 25.09
CA ARG A 159 -9.59 -9.14 24.44
C ARG A 159 -8.79 -7.86 24.62
N ILE A 160 -8.11 -7.72 25.76
CA ILE A 160 -7.27 -6.55 25.98
C ILE A 160 -6.13 -6.52 24.97
N LYS A 161 -5.53 -7.68 24.71
CA LYS A 161 -4.45 -7.76 23.73
C LYS A 161 -4.96 -7.43 22.34
N ILE A 162 -6.17 -7.90 22.01
CA ILE A 162 -6.72 -7.65 20.69
C ILE A 162 -6.90 -6.15 20.46
N VAL A 163 -7.40 -5.45 21.49
CA VAL A 163 -7.62 -4.01 21.37
C VAL A 163 -6.28 -3.30 21.14
N GLN A 164 -5.27 -3.65 21.92
CA GLN A 164 -3.96 -3.01 21.78
C GLN A 164 -3.36 -3.28 20.40
N MET A 165 -3.39 -4.54 19.98
CA MET A 165 -2.78 -4.90 18.71
C MET A 165 -3.45 -4.17 17.56
N LEU A 166 -4.78 -4.13 17.55
CA LEU A 166 -5.49 -3.46 16.47
C LEU A 166 -5.24 -1.96 16.50
N SER A 167 -5.27 -1.37 17.71
CA SER A 167 -5.04 0.06 17.82
C SER A 167 -3.68 0.45 17.27
N ASP A 168 -2.63 -0.29 17.67
CA ASP A 168 -1.28 0.05 17.22
C ASP A 168 -1.14 -0.17 15.71
N THR A 169 -1.83 -1.17 15.17
CA THR A 169 -1.70 -1.46 13.76
C THR A 169 -2.44 -0.44 12.91
N LEU A 170 -3.60 0.02 13.38
CA LEU A 170 -4.52 0.77 12.54
C LEU A 170 -4.58 2.27 12.83
N LYS A 171 -4.02 2.74 13.93
CA LYS A 171 -4.23 4.13 14.33
C LYS A 171 -3.82 5.11 13.23
N ASN A 172 -2.72 4.83 12.54
CA ASN A 172 -2.22 5.71 11.48
C ASN A 172 -2.70 5.27 10.11
N LEU A 173 -3.66 4.37 10.02
CA LEU A 173 -4.11 3.88 8.73
C LEU A 173 -5.58 4.16 8.44
N SER A 174 -6.46 3.99 9.42
CA SER A 174 -7.88 3.99 9.14
C SER A 174 -8.66 4.34 10.39
N ASP A 175 -9.93 4.68 10.19
CA ASP A 175 -10.87 5.01 11.25
C ASP A 175 -11.67 3.82 11.73
N ARG A 176 -11.36 2.61 11.24
CA ARG A 176 -12.14 1.43 11.56
C ARG A 176 -11.26 0.20 11.42
N VAL A 177 -11.88 -0.96 11.60
CA VAL A 177 -11.28 -2.25 11.29
C VAL A 177 -12.27 -3.03 10.44
N VAL A 178 -11.76 -3.72 9.43
CA VAL A 178 -12.54 -4.66 8.64
C VAL A 178 -11.88 -6.04 8.80
N PHE A 179 -12.55 -6.95 9.49
CA PHE A 179 -12.04 -8.31 9.61
C PHE A 179 -12.30 -9.05 8.30
N VAL A 180 -11.23 -9.48 7.62
CA VAL A 180 -11.33 -10.24 6.37
C VAL A 180 -11.31 -11.72 6.71
N LEU A 181 -12.38 -12.43 6.35
CA LEU A 181 -12.58 -13.80 6.80
C LEU A 181 -12.64 -14.76 5.62
N TRP A 182 -12.24 -16.01 5.90
CA TRP A 182 -12.58 -17.20 5.11
C TRP A 182 -13.33 -18.03 6.15
N ALA A 183 -14.63 -17.74 6.32
CA ALA A 183 -15.39 -18.16 7.49
C ALA A 183 -15.73 -19.63 7.43
N HIS A 184 -15.25 -20.40 8.43
CA HIS A 184 -15.74 -21.75 8.67
C HIS A 184 -16.53 -21.89 9.98
N GLY A 185 -16.59 -20.86 10.83
CA GLY A 185 -17.49 -20.91 11.98
C GLY A 185 -16.95 -20.38 13.28
N PHE A 186 -15.78 -20.85 13.69
CA PHE A 186 -15.27 -20.47 15.00
C PHE A 186 -14.96 -18.97 15.10
N GLU A 187 -14.49 -18.38 14.00
CA GLU A 187 -14.19 -16.94 14.01
C GLU A 187 -15.46 -16.13 14.28
N LEU A 188 -16.57 -16.50 13.66
CA LEU A 188 -17.80 -15.74 13.85
C LEU A 188 -18.35 -15.90 15.26
N THR A 189 -18.26 -17.10 15.84
CA THR A 189 -18.78 -17.34 17.18
C THR A 189 -17.82 -16.87 18.28
N SER A 190 -16.59 -16.51 17.93
CA SER A 190 -15.66 -15.95 18.90
C SER A 190 -15.84 -14.44 19.05
N MET A 191 -16.59 -13.79 18.17
CA MET A 191 -16.65 -12.34 18.18
C MET A 191 -17.33 -11.83 19.43
N LYS A 192 -18.35 -12.55 19.90
CA LYS A 192 -19.06 -12.11 21.09
C LYS A 192 -18.12 -11.89 22.27
N TYR A 193 -16.95 -12.53 22.27
CA TYR A 193 -16.04 -12.52 23.41
C TYR A 193 -15.11 -11.31 23.41
N PHE A 194 -15.01 -10.56 22.31
CA PHE A 194 -14.18 -9.37 22.30
C PHE A 194 -14.80 -8.21 21.50
N VAL A 195 -16.04 -8.33 21.03
CA VAL A 195 -16.70 -7.27 20.26
C VAL A 195 -17.96 -6.82 21.01
N LYS A 196 -18.20 -5.52 21.01
CA LYS A 196 -19.47 -4.92 21.39
C LYS A 196 -19.93 -4.03 20.24
N ILE A 197 -21.24 -3.94 20.05
CA ILE A 197 -21.80 -3.11 18.99
C ILE A 197 -22.86 -2.19 19.58
N GLY A 198 -23.27 -1.21 18.78
CA GLY A 198 -24.28 -0.26 19.15
C GLY A 198 -24.38 0.88 18.15
N PRO A 199 -24.86 2.03 18.58
CA PRO A 199 -24.88 3.19 17.68
C PRO A 199 -23.46 3.69 17.41
N GLU A 200 -23.27 4.26 16.21
CA GLU A 200 -22.01 4.94 15.93
C GLU A 200 -21.76 5.97 17.01
N ARG A 201 -20.53 6.03 17.49
CA ARG A 201 -20.16 6.93 18.58
C ARG A 201 -18.90 7.69 18.21
N THR A 202 -18.58 8.69 19.01
CA THR A 202 -17.33 9.42 18.91
C THR A 202 -16.42 9.11 20.10
N CYS A 203 -15.13 9.38 19.92
CA CYS A 203 -14.14 9.15 20.96
C CYS A 203 -14.38 10.07 22.15
N CYS A 204 -14.03 9.59 23.34
CA CYS A 204 -14.16 10.41 24.54
C CYS A 204 -13.17 11.57 24.57
N LEU A 205 -12.05 11.47 23.83
CA LEU A 205 -10.98 12.46 23.92
C LEU A 205 -10.68 13.17 22.61
N CYS A 206 -11.35 12.82 21.51
CA CYS A 206 -11.23 13.56 20.27
C CYS A 206 -12.51 13.37 19.47
N ASP A 207 -12.51 13.82 18.22
CA ASP A 207 -13.71 13.81 17.37
C ASP A 207 -13.74 12.63 16.42
N ARG A 208 -12.75 11.75 16.49
CA ARG A 208 -12.74 10.57 15.63
C ARG A 208 -13.82 9.59 16.06
N ARG A 209 -14.32 8.80 15.11
CA ARG A 209 -15.30 7.79 15.44
C ARG A 209 -14.70 6.78 16.42
N ALA A 210 -15.56 6.19 17.25
CA ALA A 210 -15.10 5.25 18.26
C ALA A 210 -14.89 3.87 17.66
N THR A 211 -13.78 3.24 18.03
CA THR A 211 -13.44 1.90 17.59
C THR A 211 -13.29 0.91 18.74
N CYS A 212 -13.32 1.39 19.98
CA CYS A 212 -13.10 0.54 21.15
C CYS A 212 -14.01 1.01 22.28
N PHE A 213 -14.27 0.10 23.22
CA PHE A 213 -15.13 0.36 24.36
C PHE A 213 -14.45 -0.20 25.60
N SER A 214 -14.63 0.49 26.73
CA SER A 214 -14.04 0.08 28.00
C SER A 214 -15.15 -0.19 28.99
N THR A 215 -15.21 -1.44 29.48
CA THR A 215 -16.17 -1.77 30.53
C THR A 215 -15.76 -1.20 31.88
N ALA A 216 -14.51 -0.77 32.03
CA ALA A 216 -14.07 -0.19 33.29
C ALA A 216 -14.70 1.17 33.52
N SER A 217 -14.58 2.07 32.53
CA SER A 217 -15.05 3.43 32.65
C SER A 217 -16.33 3.68 31.87
N ASP A 218 -16.78 2.72 31.05
CA ASP A 218 -18.01 2.88 30.27
C ASP A 218 -17.86 4.01 29.25
N THR A 219 -16.68 4.09 28.66
CA THR A 219 -16.34 5.14 27.71
C THR A 219 -15.90 4.53 26.39
N TYR A 220 -15.80 5.37 25.37
CA TYR A 220 -15.46 4.95 24.03
C TYR A 220 -14.24 5.71 23.53
N ALA A 221 -13.50 5.09 22.62
CA ALA A 221 -12.28 5.69 22.13
C ALA A 221 -12.04 5.29 20.68
N CYS A 222 -11.22 6.11 20.02
CA CYS A 222 -10.69 5.79 18.70
C CYS A 222 -9.43 4.93 18.86
N TRP A 223 -8.78 4.62 17.75
CA TRP A 223 -7.56 3.82 17.84
C TRP A 223 -6.44 4.56 18.57
N HIS A 224 -6.48 5.90 18.61
CA HIS A 224 -5.38 6.64 19.19
C HIS A 224 -5.46 6.75 20.71
N HIS A 225 -6.64 6.57 21.30
CA HIS A 225 -6.86 6.87 22.71
C HIS A 225 -7.47 5.68 23.44
N SER A 226 -7.19 4.48 22.95
CA SER A 226 -7.78 3.25 23.46
C SER A 226 -6.93 2.55 24.51
N ILE A 227 -5.86 3.18 24.99
CA ILE A 227 -4.99 2.48 25.93
C ILE A 227 -5.81 2.02 27.13
N GLY A 228 -5.70 0.74 27.47
CA GLY A 228 -6.44 0.18 28.58
C GLY A 228 -7.87 -0.22 28.29
N PHE A 229 -8.33 -0.09 27.04
CA PHE A 229 -9.68 -0.50 26.68
C PHE A 229 -9.70 -2.00 26.37
N ASP A 230 -10.85 -2.63 26.59
CA ASP A 230 -10.92 -4.08 26.53
C ASP A 230 -11.83 -4.65 25.45
N TYR A 231 -12.62 -3.83 24.75
CA TYR A 231 -13.48 -4.35 23.70
C TYR A 231 -13.34 -3.56 22.39
N VAL A 232 -13.35 -4.31 21.28
CA VAL A 232 -13.49 -3.72 19.96
C VAL A 232 -14.94 -3.30 19.76
N TYR A 233 -15.16 -2.11 19.21
CA TYR A 233 -16.50 -1.56 19.11
C TYR A 233 -16.86 -1.26 17.67
N ASN A 234 -18.04 -1.74 17.26
CA ASN A 234 -18.55 -1.60 15.90
C ASN A 234 -17.46 -1.93 14.86
N PRO A 235 -16.89 -3.12 14.92
CA PRO A 235 -16.02 -3.57 13.83
C PRO A 235 -16.86 -3.89 12.60
N PHE A 236 -16.19 -3.96 11.47
CA PHE A 236 -16.81 -4.42 10.23
C PHE A 236 -16.08 -5.67 9.77
N MET A 237 -16.70 -6.40 8.84
CA MET A 237 -16.18 -7.69 8.44
C MET A 237 -16.79 -8.11 7.12
N ILE A 238 -16.10 -9.02 6.45
CA ILE A 238 -16.51 -9.53 5.15
C ILE A 238 -15.99 -10.95 5.01
N ASP A 239 -16.85 -11.85 4.53
CA ASP A 239 -16.51 -13.25 4.34
C ASP A 239 -16.14 -13.46 2.88
N VAL A 240 -14.86 -13.70 2.62
CA VAL A 240 -14.40 -13.88 1.25
C VAL A 240 -15.06 -15.07 0.59
N GLN A 241 -15.43 -16.09 1.38
CA GLN A 241 -16.06 -17.28 0.83
C GLN A 241 -17.43 -17.00 0.23
N GLN A 242 -18.00 -15.82 0.46
CA GLN A 242 -19.25 -15.41 -0.18
C GLN A 242 -19.05 -14.92 -1.60
N TRP A 243 -17.81 -14.78 -2.06
CA TRP A 243 -17.52 -14.21 -3.37
C TRP A 243 -17.58 -15.23 -4.50
N GLY A 244 -17.81 -16.50 -4.19
CA GLY A 244 -17.92 -17.51 -5.22
C GLY A 244 -16.59 -18.17 -5.53
N PHE A 245 -16.13 -19.04 -4.64
CA PHE A 245 -14.89 -19.79 -4.81
C PHE A 245 -15.19 -21.28 -4.81
N THR A 246 -14.39 -22.04 -5.57
CA THR A 246 -14.35 -23.49 -5.46
C THR A 246 -13.05 -23.88 -4.79
N GLY A 247 -13.13 -24.88 -3.91
CA GLY A 247 -11.97 -25.34 -3.19
C GLY A 247 -11.66 -24.48 -1.98
N ASN A 248 -10.69 -24.95 -1.21
CA ASN A 248 -10.35 -24.39 0.09
C ASN A 248 -9.49 -23.14 -0.06
N LEU A 249 -9.20 -22.52 1.09
CA LEU A 249 -8.45 -21.26 1.08
C LEU A 249 -7.10 -21.44 0.40
N GLN A 250 -6.33 -22.43 0.86
CA GLN A 250 -4.97 -22.57 0.36
C GLN A 250 -4.95 -22.79 -1.15
N SER A 251 -5.89 -23.58 -1.66
CA SER A 251 -5.87 -23.89 -3.09
C SER A 251 -6.12 -22.64 -3.93
N ASN A 252 -6.97 -21.73 -3.44
CA ASN A 252 -7.25 -20.50 -4.16
C ASN A 252 -6.14 -19.48 -3.97
N HIS A 253 -5.59 -19.38 -2.77
CA HIS A 253 -4.50 -18.44 -2.53
C HIS A 253 -3.26 -18.82 -3.34
N ASP A 254 -2.89 -20.11 -3.33
CA ASP A 254 -1.64 -20.53 -3.96
C ASP A 254 -1.67 -20.41 -5.48
N LEU A 255 -2.85 -20.23 -6.08
CA LEU A 255 -2.89 -20.01 -7.53
C LEU A 255 -2.22 -18.71 -7.90
N TYR A 256 -2.15 -17.75 -6.98
CA TYR A 256 -1.69 -16.41 -7.29
C TYR A 256 -0.45 -15.99 -6.52
N CYS A 257 -0.04 -16.73 -5.49
CA CYS A 257 0.97 -16.24 -4.57
C CYS A 257 1.81 -17.41 -4.06
N GLN A 258 3.13 -17.23 -4.07
CA GLN A 258 4.05 -18.23 -3.56
C GLN A 258 4.80 -17.77 -2.33
N VAL A 259 4.44 -16.62 -1.76
CA VAL A 259 5.23 -16.03 -0.69
C VAL A 259 4.70 -16.37 0.71
N HIS A 260 3.40 -16.66 0.84
CA HIS A 260 2.77 -17.00 2.12
C HIS A 260 2.60 -18.52 2.18
N GLY A 261 3.35 -19.17 3.06
CA GLY A 261 3.21 -20.59 3.26
C GLY A 261 2.01 -20.91 4.13
N ASN A 262 1.75 -22.21 4.28
CA ASN A 262 0.74 -22.70 5.20
C ASN A 262 1.44 -23.53 6.28
N ALA A 263 1.77 -22.88 7.40
CA ALA A 263 2.43 -23.53 8.53
C ALA A 263 1.42 -24.00 9.58
N HIS A 264 0.16 -24.17 9.20
CA HIS A 264 -0.87 -24.67 10.09
C HIS A 264 -0.88 -23.92 11.43
N VAL A 265 -0.80 -22.60 11.34
CA VAL A 265 -1.11 -21.69 12.44
C VAL A 265 -2.20 -20.75 11.95
N ALA A 266 -3.02 -20.27 12.88
CA ALA A 266 -4.17 -19.45 12.48
C ALA A 266 -3.73 -18.20 11.72
N SER A 267 -2.62 -17.59 12.14
CA SER A 267 -2.14 -16.38 11.48
C SER A 267 -1.80 -16.63 10.02
N CYS A 268 -1.31 -17.83 9.70
CA CYS A 268 -1.04 -18.16 8.30
C CYS A 268 -2.32 -18.11 7.46
N ASP A 269 -3.42 -18.68 7.97
CA ASP A 269 -4.69 -18.56 7.25
C ASP A 269 -5.14 -17.12 7.16
N ALA A 270 -5.00 -16.37 8.26
CA ALA A 270 -5.39 -14.96 8.24
C ALA A 270 -4.63 -14.18 7.18
N ILE A 271 -3.33 -14.43 7.05
CA ILE A 271 -2.53 -13.74 6.04
C ILE A 271 -2.97 -14.14 4.64
N MET A 272 -3.16 -15.44 4.40
CA MET A 272 -3.59 -15.90 3.09
C MET A 272 -4.95 -15.29 2.73
N THR A 273 -5.84 -15.19 3.71
CA THR A 273 -7.18 -14.69 3.45
C THR A 273 -7.13 -13.24 2.98
N ARG A 274 -6.36 -12.40 3.69
CA ARG A 274 -6.22 -11.02 3.25
C ARG A 274 -5.55 -10.95 1.89
N CYS A 275 -4.51 -11.76 1.69
CA CYS A 275 -3.80 -11.76 0.42
C CYS A 275 -4.74 -12.11 -0.74
N LEU A 276 -5.51 -13.19 -0.57
CA LEU A 276 -6.48 -13.53 -1.61
C LEU A 276 -7.41 -12.35 -1.88
N ALA A 277 -7.88 -11.70 -0.82
CA ALA A 277 -8.81 -10.60 -0.99
C ALA A 277 -8.18 -9.45 -1.76
N VAL A 278 -6.93 -9.13 -1.41
CA VAL A 278 -6.24 -8.04 -2.12
C VAL A 278 -6.09 -8.39 -3.59
N HIS A 279 -5.74 -9.65 -3.89
CA HIS A 279 -5.58 -10.05 -5.28
C HIS A 279 -6.89 -9.87 -6.06
N GLU A 280 -8.00 -10.30 -5.47
CA GLU A 280 -9.27 -10.26 -6.18
C GLU A 280 -9.74 -8.85 -6.42
N CYS A 281 -9.34 -7.92 -5.54
CA CYS A 281 -9.88 -6.56 -5.59
C CYS A 281 -8.93 -5.54 -6.17
N PHE A 282 -7.64 -5.87 -6.27
CA PHE A 282 -6.64 -4.89 -6.67
C PHE A 282 -5.66 -5.41 -7.70
N VAL A 283 -5.65 -6.72 -7.97
CA VAL A 283 -4.80 -7.30 -9.00
C VAL A 283 -5.68 -7.74 -10.15
N LYS A 284 -6.53 -8.74 -9.87
CA LYS A 284 -7.48 -9.19 -10.88
C LYS A 284 -8.32 -8.04 -11.39
N ARG A 285 -8.92 -7.28 -10.48
CA ARG A 285 -9.68 -6.09 -10.79
C ARG A 285 -8.91 -4.86 -10.33
N VAL A 286 -9.13 -3.75 -11.03
CA VAL A 286 -8.44 -2.50 -10.74
C VAL A 286 -9.42 -1.35 -10.95
N ASP A 287 -9.70 -0.59 -9.89
CA ASP A 287 -10.59 0.56 -9.97
C ASP A 287 -9.82 1.80 -9.53
N TRP A 288 -9.38 2.60 -10.51
CA TRP A 288 -8.67 3.83 -10.24
C TRP A 288 -9.58 5.02 -10.01
N THR A 289 -10.90 4.83 -10.05
CA THR A 289 -11.82 5.92 -9.73
C THR A 289 -11.88 6.16 -8.23
N ILE A 290 -11.63 5.14 -7.42
CA ILE A 290 -11.75 5.25 -5.97
C ILE A 290 -10.62 6.10 -5.42
N GLU A 291 -10.98 7.03 -4.55
CA GLU A 291 -10.04 7.92 -3.88
C GLU A 291 -9.96 7.56 -2.41
N TYR A 292 -8.78 7.74 -1.83
CA TYR A 292 -8.55 7.40 -0.44
C TYR A 292 -8.08 8.63 0.33
N PRO A 293 -8.50 8.78 1.58
CA PRO A 293 -8.17 10.00 2.33
C PRO A 293 -6.67 10.18 2.51
N ILE A 294 -6.29 11.42 2.76
CA ILE A 294 -4.92 11.77 3.09
C ILE A 294 -4.65 11.36 4.53
N ILE A 295 -3.63 10.52 4.74
CA ILE A 295 -3.28 10.03 6.07
C ILE A 295 -1.83 10.33 6.43
N GLY A 296 -1.03 10.83 5.49
CA GLY A 296 0.36 11.11 5.77
C GLY A 296 0.95 12.20 4.90
N ASP A 297 2.13 11.93 4.33
CA ASP A 297 2.84 12.90 3.50
C ASP A 297 2.54 12.73 2.01
N GLU A 298 1.32 12.29 1.68
CA GLU A 298 0.97 12.05 0.28
C GLU A 298 1.36 13.24 -0.59
N LEU A 299 0.90 14.43 -0.20
CA LEU A 299 1.06 15.61 -1.05
C LEU A 299 2.53 16.00 -1.19
N LYS A 300 3.28 15.99 -0.10
CA LYS A 300 4.71 16.29 -0.20
C LYS A 300 5.43 15.27 -1.07
N ILE A 301 5.05 13.99 -0.93
CA ILE A 301 5.70 12.94 -1.71
C ILE A 301 5.45 13.13 -3.20
N ASN A 302 4.19 13.41 -3.56
CA ASN A 302 3.84 13.59 -4.96
C ASN A 302 4.49 14.82 -5.57
N ALA A 303 4.60 15.92 -4.81
CA ALA A 303 5.30 17.10 -5.30
C ALA A 303 6.79 16.84 -5.47
N ALA A 304 7.40 16.13 -4.52
CA ALA A 304 8.81 15.78 -4.65
C ALA A 304 9.05 14.93 -5.89
N CYS A 305 8.19 13.93 -6.11
CA CYS A 305 8.32 13.07 -7.28
C CYS A 305 8.30 13.88 -8.57
N ARG A 306 7.42 14.87 -8.67
CA ARG A 306 7.40 15.74 -9.84
C ARG A 306 8.68 16.58 -9.93
N LYS A 307 9.14 17.14 -8.80
CA LYS A 307 10.35 17.95 -8.82
C LYS A 307 11.55 17.12 -9.21
N VAL A 308 11.67 15.91 -8.66
CA VAL A 308 12.81 15.06 -8.97
C VAL A 308 12.75 14.62 -10.43
N GLN A 309 11.57 14.26 -10.93
CA GLN A 309 11.45 13.81 -12.31
C GLN A 309 11.96 14.89 -13.26
N HIS A 310 11.52 16.14 -13.07
CA HIS A 310 11.93 17.23 -13.93
C HIS A 310 13.43 17.47 -13.85
N MET A 311 13.99 17.42 -12.63
CA MET A 311 15.42 17.64 -12.47
C MET A 311 16.23 16.58 -13.20
N VAL A 312 15.92 15.30 -12.95
CA VAL A 312 16.76 14.23 -13.47
C VAL A 312 16.68 14.20 -14.99
N VAL A 313 15.47 14.35 -15.54
CA VAL A 313 15.32 14.26 -16.99
C VAL A 313 15.94 15.47 -17.67
N LYS A 314 15.73 16.67 -17.12
CA LYS A 314 16.38 17.85 -17.66
C LYS A 314 17.89 17.68 -17.69
N ALA A 315 18.47 17.18 -16.59
CA ALA A 315 19.92 17.04 -16.52
C ALA A 315 20.42 16.00 -17.51
N ALA A 316 19.70 14.89 -17.64
CA ALA A 316 20.09 13.83 -18.56
C ALA A 316 20.12 14.33 -20.00
N LEU A 317 19.09 15.10 -20.39
CA LEU A 317 19.06 15.64 -21.74
C LEU A 317 20.16 16.68 -21.94
N LEU A 318 20.46 17.47 -20.92
CA LEU A 318 21.52 18.47 -21.06
C LEU A 318 22.89 17.81 -21.14
N ALA A 319 23.08 16.71 -20.40
CA ALA A 319 24.40 16.11 -20.29
C ALA A 319 24.77 15.32 -21.52
N ASP A 320 23.84 14.51 -22.02
CA ASP A 320 24.12 13.59 -23.11
C ASP A 320 23.42 13.95 -24.40
N LYS A 321 22.55 14.96 -24.40
CA LYS A 321 22.04 15.56 -25.63
C LYS A 321 21.37 14.52 -26.54
N PHE A 322 20.57 13.64 -25.93
CA PHE A 322 19.83 12.64 -26.70
C PHE A 322 18.96 13.33 -27.73
N PRO A 323 18.91 12.84 -28.97
CA PRO A 323 18.00 13.43 -29.96
C PRO A 323 16.54 13.06 -29.76
N VAL A 324 16.24 11.95 -29.07
CA VAL A 324 14.86 11.51 -28.90
C VAL A 324 14.71 10.90 -27.51
N LEU A 325 13.52 11.08 -26.92
CA LEU A 325 13.20 10.49 -25.63
C LEU A 325 11.92 9.67 -25.76
N HIS A 326 11.99 8.42 -25.32
CA HIS A 326 10.85 7.50 -25.37
C HIS A 326 10.23 7.44 -23.98
N ASP A 327 9.05 8.04 -23.83
CA ASP A 327 8.37 8.18 -22.55
C ASP A 327 7.33 7.06 -22.45
N ILE A 328 7.63 6.04 -21.64
CA ILE A 328 6.83 4.81 -21.58
C ILE A 328 6.12 4.78 -20.23
N GLY A 329 4.79 4.77 -20.27
CA GLY A 329 3.99 4.68 -19.07
C GLY A 329 2.63 5.30 -19.23
N ASN A 330 2.24 6.10 -18.24
CA ASN A 330 0.90 6.64 -18.11
C ASN A 330 0.37 7.16 -19.44
N PRO A 331 -0.76 6.64 -19.93
CA PRO A 331 -1.32 7.16 -21.18
C PRO A 331 -1.65 8.65 -21.12
N LYS A 332 -1.75 9.24 -19.92
CA LYS A 332 -2.06 10.65 -19.75
C LYS A 332 -0.84 11.46 -19.32
N ALA A 333 0.36 10.95 -19.58
CA ALA A 333 1.57 11.62 -19.14
C ALA A 333 1.78 12.92 -19.91
N ILE A 334 2.45 13.86 -19.25
CA ILE A 334 2.82 15.14 -19.83
C ILE A 334 4.33 15.20 -19.92
N LYS A 335 4.82 15.99 -20.87
CA LYS A 335 6.25 16.25 -20.94
C LYS A 335 6.72 16.87 -19.62
N CYS A 336 7.68 16.20 -18.96
CA CYS A 336 8.14 16.71 -17.68
C CYS A 336 9.24 17.76 -17.82
N VAL A 337 9.80 17.91 -19.01
CA VAL A 337 10.74 18.99 -19.31
C VAL A 337 10.24 19.73 -20.54
N PRO A 338 9.21 20.58 -20.41
CA PRO A 338 8.57 21.13 -21.62
C PRO A 338 9.48 21.95 -22.52
N GLN A 339 10.56 22.53 -22.01
CA GLN A 339 11.43 23.40 -22.79
C GLN A 339 12.60 22.65 -23.43
N ALA A 340 12.64 21.33 -23.28
CA ALA A 340 13.73 20.55 -23.86
C ALA A 340 13.57 20.45 -25.38
N ASP A 341 14.72 20.35 -26.06
CA ASP A 341 14.80 20.34 -27.50
C ASP A 341 14.58 18.95 -28.09
N VAL A 342 14.53 17.93 -27.24
CA VAL A 342 14.44 16.57 -27.73
C VAL A 342 13.11 16.31 -28.45
N GLU A 343 13.12 15.28 -29.30
CA GLU A 343 11.90 14.74 -29.89
C GLU A 343 11.27 13.81 -28.87
N TRP A 344 10.09 14.20 -28.36
CA TRP A 344 9.43 13.53 -27.24
C TRP A 344 8.33 12.63 -27.78
N LYS A 345 8.50 11.32 -27.64
CA LYS A 345 7.54 10.34 -28.14
C LYS A 345 6.92 9.59 -26.96
N PHE A 346 5.59 9.49 -26.94
CA PHE A 346 4.90 8.83 -25.84
C PHE A 346 4.45 7.42 -26.21
N TYR A 347 4.48 6.52 -25.24
CA TYR A 347 3.96 5.16 -25.42
C TYR A 347 3.07 4.82 -24.24
N ASP A 348 1.87 4.28 -24.50
CA ASP A 348 0.92 4.11 -23.41
C ASP A 348 1.12 2.76 -22.72
N ALA A 349 1.18 2.79 -21.39
CA ALA A 349 1.13 1.56 -20.59
C ALA A 349 0.57 1.89 -19.22
N GLN A 350 -0.56 1.27 -18.88
CA GLN A 350 -1.15 1.46 -17.57
C GLN A 350 -0.30 0.76 -16.51
N PRO A 351 -0.42 1.16 -15.25
CA PRO A 351 0.31 0.44 -14.19
C PRO A 351 0.03 -1.05 -14.24
N CYS A 352 1.09 -1.85 -14.26
CA CYS A 352 0.94 -3.31 -14.27
C CYS A 352 0.67 -3.76 -12.85
N SER A 353 -0.51 -4.29 -12.59
CA SER A 353 -0.85 -4.64 -11.21
C SER A 353 -0.30 -6.00 -10.81
N ASP A 354 -0.20 -6.95 -11.74
CA ASP A 354 0.13 -8.32 -11.38
C ASP A 354 1.62 -8.63 -11.52
N LYS A 355 2.08 -8.82 -12.76
CA LYS A 355 3.48 -9.09 -13.06
C LYS A 355 4.08 -7.90 -13.78
N ALA A 356 5.38 -7.67 -13.55
CA ALA A 356 6.09 -6.64 -14.29
C ALA A 356 5.96 -6.89 -15.79
N TYR A 357 5.88 -5.80 -16.55
CA TYR A 357 5.79 -5.93 -18.00
C TYR A 357 7.05 -6.59 -18.55
N LYS A 358 6.87 -7.43 -19.57
CA LYS A 358 8.01 -8.00 -20.29
C LYS A 358 8.48 -6.99 -21.35
N ILE A 359 9.74 -6.55 -21.23
CA ILE A 359 10.26 -5.54 -22.14
C ILE A 359 10.13 -5.99 -23.59
N GLU A 360 10.23 -7.30 -23.83
CA GLU A 360 10.09 -7.80 -25.19
C GLU A 360 8.72 -7.45 -25.77
N GLU A 361 7.67 -7.50 -24.94
CA GLU A 361 6.34 -7.19 -25.42
C GLU A 361 6.14 -5.69 -25.59
N LEU A 362 6.60 -4.90 -24.62
CA LEU A 362 6.39 -3.45 -24.68
C LEU A 362 7.04 -2.86 -25.92
N PHE A 363 8.23 -3.35 -26.27
CA PHE A 363 9.05 -2.72 -27.29
C PHE A 363 8.91 -3.41 -28.64
N PHE A 373 13.73 2.14 -30.20
CA PHE A 373 13.86 2.37 -28.77
C PHE A 373 15.34 2.40 -28.36
N THR A 374 16.21 1.91 -29.25
CA THR A 374 17.65 1.96 -29.02
C THR A 374 18.24 3.33 -29.33
N ASP A 375 17.49 4.20 -30.01
CA ASP A 375 17.92 5.57 -30.22
C ASP A 375 17.53 6.42 -29.01
N GLY A 376 18.41 7.35 -28.64
CA GLY A 376 18.09 8.28 -27.58
C GLY A 376 17.99 7.59 -26.23
N VAL A 377 17.03 8.03 -25.43
CA VAL A 377 16.86 7.55 -24.07
C VAL A 377 15.41 7.16 -23.83
N CYS A 378 15.22 6.15 -22.96
CA CYS A 378 13.90 5.69 -22.57
C CYS A 378 13.64 6.09 -21.12
N LEU A 379 12.47 6.69 -20.87
CA LEU A 379 12.07 7.10 -19.54
C LEU A 379 10.99 6.14 -19.06
N PHE A 380 11.27 5.42 -17.98
CA PHE A 380 10.28 4.56 -17.33
C PHE A 380 9.99 5.16 -15.96
N TRP A 381 9.04 6.09 -15.88
CA TRP A 381 8.67 6.67 -14.59
C TRP A 381 7.53 5.81 -14.01
N ASN A 382 7.88 4.87 -13.12
CA ASN A 382 6.88 3.99 -12.49
C ASN A 382 6.20 3.12 -13.54
N CYS A 383 6.97 2.73 -14.56
CA CYS A 383 6.57 1.72 -15.54
C CYS A 383 7.43 0.50 -15.23
N ASN A 384 6.84 -0.47 -14.55
CA ASN A 384 7.61 -1.59 -14.02
C ASN A 384 7.78 -2.66 -15.08
N VAL A 385 9.03 -2.90 -15.49
CA VAL A 385 9.37 -3.89 -16.51
C VAL A 385 10.30 -4.91 -15.88
N ASP A 386 10.43 -6.05 -16.57
CA ASP A 386 11.25 -7.13 -16.01
C ASP A 386 12.73 -6.84 -16.16
N ARG A 387 13.16 -6.18 -17.24
CA ARG A 387 14.54 -5.76 -17.38
C ARG A 387 14.58 -4.48 -18.23
N TYR A 388 15.16 -3.43 -17.66
CA TYR A 388 15.18 -2.15 -18.35
C TYR A 388 16.31 -2.11 -19.38
N PRO A 389 16.11 -1.45 -20.51
CA PRO A 389 17.20 -1.32 -21.49
C PRO A 389 18.31 -0.45 -20.93
N ALA A 390 19.50 -0.57 -21.53
CA ALA A 390 20.65 0.15 -21.01
C ALA A 390 20.48 1.66 -21.11
N ASN A 391 19.71 2.14 -22.08
CA ASN A 391 19.57 3.58 -22.32
C ASN A 391 18.31 4.12 -21.65
N SER A 392 18.25 3.95 -20.34
CA SER A 392 17.04 4.29 -19.61
C SER A 392 17.28 5.21 -18.44
N ILE A 393 16.23 5.94 -18.09
CA ILE A 393 16.08 6.65 -16.83
C ILE A 393 14.88 6.04 -16.13
N VAL A 394 15.03 5.64 -14.86
CA VAL A 394 14.00 4.82 -14.22
C VAL A 394 13.69 5.30 -12.81
N CYS A 395 12.39 5.39 -12.52
CA CYS A 395 11.87 5.46 -11.16
C CYS A 395 11.04 4.21 -10.90
N ARG A 396 11.42 3.45 -9.87
CA ARG A 396 10.79 2.18 -9.56
C ARG A 396 10.51 2.11 -8.07
N PHE A 397 9.24 1.88 -7.72
CA PHE A 397 8.82 1.80 -6.33
C PHE A 397 9.33 0.51 -5.71
N ASP A 398 9.96 0.63 -4.53
CA ASP A 398 10.48 -0.53 -3.80
C ASP A 398 9.37 -1.02 -2.87
N THR A 399 8.76 -2.15 -3.22
CA THR A 399 7.61 -2.65 -2.46
C THR A 399 7.96 -3.07 -1.05
N ARG A 400 9.25 -3.20 -0.70
CA ARG A 400 9.63 -3.65 0.64
C ARG A 400 9.62 -2.50 1.65
N VAL A 401 9.35 -1.28 1.22
CA VAL A 401 9.45 -0.14 2.12
C VAL A 401 8.33 -0.19 3.15
N LEU A 402 8.67 0.16 4.39
CA LEU A 402 7.71 0.22 5.48
C LEU A 402 7.19 1.64 5.62
N SER A 403 5.88 1.82 5.43
CA SER A 403 5.25 3.11 5.64
C SER A 403 3.75 2.89 5.78
N ASN A 404 3.06 3.94 6.23
CA ASN A 404 1.62 3.90 6.37
C ASN A 404 0.91 3.94 5.03
N LEU A 405 1.61 4.31 3.97
CA LEU A 405 1.01 4.32 2.64
C LEU A 405 1.11 2.96 1.96
N ASN A 406 2.09 2.15 2.33
CA ASN A 406 2.39 0.90 1.65
C ASN A 406 1.85 -0.27 2.46
N LEU A 407 0.89 -0.98 1.89
CA LEU A 407 0.30 -2.11 2.57
C LEU A 407 0.81 -3.42 1.98
N PRO A 408 0.92 -4.47 2.80
CA PRO A 408 1.35 -5.78 2.27
C PRO A 408 0.43 -6.24 1.16
N GLY A 409 1.03 -6.76 0.08
CA GLY A 409 0.29 -7.14 -1.10
C GLY A 409 0.37 -8.63 -1.42
N CYS A 410 0.23 -8.98 -2.70
N CYS A 410 0.21 -8.97 -2.70
CA CYS A 410 0.12 -10.36 -3.13
CA CYS A 410 0.14 -10.35 -3.12
C CYS A 410 1.38 -10.80 -3.87
C CYS A 410 1.45 -10.76 -3.80
N ASP A 411 1.90 -11.97 -3.50
CA ASP A 411 3.03 -12.58 -4.19
C ASP A 411 4.27 -11.68 -4.18
N GLY A 412 4.53 -11.06 -3.02
CA GLY A 412 5.66 -10.19 -2.86
C GLY A 412 5.38 -8.74 -3.21
N GLY A 413 4.32 -8.49 -3.95
CA GLY A 413 3.93 -7.13 -4.27
C GLY A 413 3.40 -6.40 -3.06
N SER A 414 3.19 -5.10 -3.25
CA SER A 414 2.64 -4.26 -2.20
C SER A 414 1.50 -3.42 -2.76
N LEU A 415 0.57 -3.03 -1.89
CA LEU A 415 -0.54 -2.16 -2.27
C LEU A 415 -0.20 -0.75 -1.81
N TYR A 416 0.24 0.09 -2.73
CA TYR A 416 0.61 1.47 -2.43
C TYR A 416 -0.63 2.34 -2.59
N VAL A 417 -1.09 2.93 -1.49
CA VAL A 417 -2.31 3.73 -1.46
C VAL A 417 -1.91 5.18 -1.23
N ASN A 418 -1.91 5.97 -2.31
CA ASN A 418 -1.60 7.40 -2.28
C ASN A 418 -2.60 8.06 -3.21
N LYS A 419 -3.69 8.58 -2.64
CA LYS A 419 -4.82 9.11 -3.41
C LYS A 419 -5.59 7.95 -4.04
N HIS A 420 -4.91 7.13 -4.80
CA HIS A 420 -5.49 5.93 -5.41
C HIS A 420 -4.68 4.71 -4.95
N ALA A 421 -5.26 3.53 -5.20
CA ALA A 421 -4.65 2.27 -4.78
C ALA A 421 -3.94 1.63 -5.96
N PHE A 422 -2.64 1.40 -5.82
CA PHE A 422 -1.82 0.84 -6.89
C PHE A 422 -1.17 -0.44 -6.39
N HIS A 423 -1.64 -1.61 -6.81
CA HIS A 423 -0.89 -2.81 -6.48
C HIS A 423 0.36 -2.87 -7.35
N THR A 424 1.50 -3.20 -6.74
CA THR A 424 2.79 -3.04 -7.39
C THR A 424 3.56 -4.34 -7.32
N PRO A 425 3.99 -4.92 -8.46
CA PRO A 425 4.72 -6.19 -8.40
C PRO A 425 6.01 -6.05 -7.59
N ALA A 426 6.45 -7.17 -7.03
CA ALA A 426 7.59 -7.19 -6.11
C ALA A 426 8.83 -6.55 -6.71
N PHE A 427 9.50 -5.74 -5.90
CA PHE A 427 10.80 -5.17 -6.26
C PHE A 427 11.78 -6.29 -6.58
N ASP A 428 12.51 -6.12 -7.69
CA ASP A 428 13.43 -7.14 -8.20
C ASP A 428 14.68 -6.42 -8.69
N LYS A 429 15.78 -6.59 -7.97
CA LYS A 429 17.00 -5.85 -8.28
C LYS A 429 17.55 -6.23 -9.64
N SER A 430 17.27 -7.45 -10.10
CA SER A 430 17.82 -7.90 -11.37
C SER A 430 17.27 -7.08 -12.54
N ALA A 431 16.17 -6.36 -12.35
CA ALA A 431 15.61 -5.54 -13.41
C ALA A 431 16.53 -4.39 -13.80
N PHE A 432 17.44 -3.99 -12.93
CA PHE A 432 18.31 -2.85 -13.14
C PHE A 432 19.73 -3.27 -13.52
N VAL A 433 19.91 -4.50 -13.99
CA VAL A 433 21.26 -5.00 -14.23
C VAL A 433 21.99 -4.17 -15.27
N ASN A 434 21.25 -3.57 -16.22
CA ASN A 434 21.88 -2.77 -17.26
C ASN A 434 22.10 -1.31 -16.84
N LEU A 435 21.73 -0.94 -15.63
CA LEU A 435 21.79 0.45 -15.18
C LEU A 435 22.60 0.54 -13.90
N LYS A 436 22.66 1.76 -13.36
CA LYS A 436 23.28 2.02 -12.06
C LYS A 436 22.33 2.90 -11.26
N GLN A 437 22.56 2.96 -9.95
CA GLN A 437 21.82 3.88 -9.11
C GLN A 437 22.11 5.32 -9.50
N LEU A 438 21.07 6.13 -9.58
CA LEU A 438 21.23 7.54 -9.88
C LEU A 438 21.83 8.26 -8.67
N PRO A 439 22.97 8.94 -8.82
CA PRO A 439 23.50 9.70 -7.68
C PRO A 439 22.71 10.97 -7.44
N PHE A 440 22.70 11.40 -6.19
CA PHE A 440 22.05 12.66 -5.90
C PHE A 440 22.84 13.82 -6.48
N PHE A 441 22.11 14.79 -7.02
CA PHE A 441 22.71 16.04 -7.45
C PHE A 441 21.62 17.08 -7.52
N TYR A 442 22.03 18.35 -7.47
CA TYR A 442 21.12 19.46 -7.72
C TYR A 442 21.67 20.29 -8.87
N TYR A 443 20.87 20.49 -9.91
CA TYR A 443 21.26 21.30 -11.04
C TYR A 443 20.32 22.47 -11.23
N SER A 444 20.87 23.63 -11.54
CA SER A 444 20.04 24.78 -11.88
C SER A 444 20.81 25.76 -12.75
N ASP A 445 20.15 26.21 -13.82
CA ASP A 445 20.65 27.29 -14.66
C ASP A 445 19.91 28.59 -14.43
N SER A 446 19.07 28.66 -13.39
CA SER A 446 18.35 29.88 -13.08
C SER A 446 19.33 30.98 -12.63
N PRO A 447 18.95 32.25 -12.79
CA PRO A 447 19.85 33.34 -12.39
C PRO A 447 20.14 33.29 -10.90
N CYS A 448 21.34 33.74 -10.53
CA CYS A 448 21.73 33.85 -9.13
C CYS A 448 21.17 35.11 -8.47
N VAL A 462 23.49 29.53 7.18
CA VAL A 462 24.85 29.06 6.98
C VAL A 462 25.15 29.01 5.49
N PRO A 463 26.32 29.49 5.08
CA PRO A 463 26.71 29.36 3.67
C PRO A 463 26.78 27.90 3.25
N LEU A 464 26.33 27.62 2.04
CA LEU A 464 26.28 26.25 1.54
C LEU A 464 27.59 25.89 0.84
N LYS A 465 28.20 24.81 1.28
CA LYS A 465 29.29 24.17 0.56
C LYS A 465 28.85 22.78 0.17
N SER A 466 28.90 22.49 -1.13
CA SER A 466 28.58 21.14 -1.59
C SER A 466 29.09 20.84 -3.00
N ALA A 467 29.70 19.66 -3.16
CA ALA A 467 30.15 19.25 -4.49
C ALA A 467 28.99 18.90 -5.40
N THR A 468 27.78 18.69 -4.87
CA THR A 468 26.64 18.29 -5.67
C THR A 468 25.66 19.43 -5.94
N CYS A 469 26.04 20.67 -5.65
CA CYS A 469 25.25 21.83 -6.07
C CYS A 469 25.81 22.31 -7.40
N ILE A 470 25.21 21.85 -8.50
CA ILE A 470 25.74 22.11 -9.85
C ILE A 470 25.08 23.41 -10.33
N THR A 471 25.76 24.52 -10.07
CA THR A 471 25.26 25.83 -10.40
C THR A 471 26.43 26.71 -10.82
N ARG A 472 26.12 27.77 -11.56
CA ARG A 472 27.15 28.70 -12.01
C ARG A 472 27.90 29.29 -10.82
N CYS A 473 27.20 29.58 -9.73
CA CYS A 473 27.86 30.22 -8.59
C CYS A 473 28.82 29.26 -7.90
N ASN A 474 28.47 27.97 -7.81
CA ASN A 474 29.38 26.99 -7.25
C ASN A 474 30.59 26.79 -8.17
N LEU A 475 30.37 26.78 -9.49
CA LEU A 475 31.48 26.73 -10.43
C LEU A 475 32.45 27.88 -10.17
N GLY A 476 31.92 29.05 -9.79
CA GLY A 476 32.71 30.23 -9.52
C GLY A 476 33.27 30.32 -8.12
N GLY A 477 32.96 29.39 -7.23
CA GLY A 477 33.61 29.27 -5.94
C GLY A 477 32.73 29.49 -4.73
N ALA A 478 31.54 30.05 -4.90
CA ALA A 478 30.70 30.36 -3.75
C ALA A 478 29.23 30.29 -4.16
N VAL A 479 28.49 29.40 -3.51
CA VAL A 479 27.08 29.23 -3.83
C VAL A 479 26.30 30.45 -3.32
N CYS A 480 25.45 31.01 -4.18
CA CYS A 480 24.63 32.15 -3.78
C CYS A 480 23.48 31.69 -2.88
N ARG A 481 22.85 32.66 -2.21
CA ARG A 481 21.80 32.35 -1.24
C ARG A 481 20.63 31.65 -1.93
N HIS A 482 20.18 32.19 -3.07
CA HIS A 482 19.03 31.61 -3.77
C HIS A 482 19.26 30.13 -4.04
N HIS A 483 20.38 29.80 -4.66
CA HIS A 483 20.63 28.41 -5.02
C HIS A 483 20.94 27.58 -3.79
N ALA A 484 21.45 28.20 -2.73
CA ALA A 484 21.57 27.51 -1.46
C ALA A 484 20.19 27.14 -0.92
N ASN A 485 19.26 28.08 -0.97
CA ASN A 485 17.90 27.78 -0.50
C ASN A 485 17.29 26.66 -1.34
N GLU A 486 17.42 26.77 -2.66
CA GLU A 486 16.77 25.79 -3.54
C GLU A 486 17.42 24.42 -3.42
N TYR A 487 18.74 24.38 -3.24
CA TYR A 487 19.45 23.12 -3.03
C TYR A 487 18.91 22.40 -1.80
N ARG A 488 18.78 23.10 -0.68
CA ARG A 488 18.27 22.50 0.54
C ARG A 488 16.82 22.06 0.40
N LEU A 489 15.99 22.81 -0.31
CA LEU A 489 14.62 22.38 -0.56
C LEU A 489 14.58 21.17 -1.48
N TYR A 490 15.46 21.14 -2.48
CA TYR A 490 15.48 19.98 -3.37
C TYR A 490 15.96 18.75 -2.63
N LEU A 491 17.02 18.90 -1.82
CA LEU A 491 17.52 17.78 -1.03
C LEU A 491 16.42 17.22 -0.13
N ASP A 492 15.66 18.11 0.51
CA ASP A 492 14.54 17.67 1.33
C ASP A 492 13.55 16.83 0.50
N ALA A 493 13.19 17.33 -0.67
CA ALA A 493 12.25 16.61 -1.52
C ALA A 493 12.85 15.28 -1.97
N TYR A 494 14.13 15.29 -2.35
CA TYR A 494 14.78 14.06 -2.77
C TYR A 494 14.72 13.02 -1.65
N ASN A 495 15.06 13.42 -0.42
CA ASN A 495 15.06 12.46 0.68
C ASN A 495 13.66 12.00 1.02
N MET A 496 12.67 12.88 0.85
CA MET A 496 11.29 12.47 1.10
C MET A 496 10.87 11.36 0.14
N MET A 497 11.22 11.50 -1.15
CA MET A 497 10.78 10.52 -2.14
C MET A 497 11.51 9.19 -1.96
N ILE A 498 12.80 9.25 -1.60
CA ILE A 498 13.54 8.01 -1.31
C ILE A 498 12.91 7.32 -0.10
N SER A 499 12.66 8.06 0.98
CA SER A 499 12.11 7.47 2.19
C SER A 499 10.74 6.87 1.95
N ALA A 500 9.97 7.42 1.01
CA ALA A 500 8.66 6.87 0.68
C ALA A 500 8.75 5.58 -0.11
N GLY A 501 9.93 5.19 -0.57
CA GLY A 501 10.14 3.90 -1.17
C GLY A 501 10.57 3.91 -2.61
N PHE A 502 10.61 5.06 -3.26
CA PHE A 502 11.01 5.14 -4.66
C PHE A 502 12.52 5.02 -4.80
N SER A 503 12.94 4.40 -5.90
CA SER A 503 14.34 4.24 -6.23
C SER A 503 14.59 4.74 -7.65
N LEU A 504 15.78 5.28 -7.86
CA LEU A 504 16.13 5.95 -9.12
C LEU A 504 17.34 5.27 -9.75
N TRP A 505 17.25 5.02 -11.05
CA TRP A 505 18.28 4.31 -11.81
C TRP A 505 18.49 5.02 -13.14
N VAL A 506 19.68 4.86 -13.72
CA VAL A 506 20.09 5.64 -14.89
C VAL A 506 21.12 4.89 -15.71
N TYR A 507 21.22 5.26 -16.98
CA TYR A 507 22.22 4.67 -17.85
C TYR A 507 23.62 4.87 -17.28
N LYS A 508 24.47 3.86 -17.46
CA LYS A 508 25.74 3.86 -16.76
C LYS A 508 26.64 5.02 -17.18
N GLN A 509 26.41 5.59 -18.36
CA GLN A 509 27.27 6.68 -18.83
C GLN A 509 26.93 8.01 -18.18
N PHE A 510 25.87 8.07 -17.37
CA PHE A 510 25.45 9.35 -16.80
C PHE A 510 26.53 9.88 -15.86
N ASP A 511 26.96 11.12 -16.11
CA ASP A 511 28.04 11.74 -15.36
C ASP A 511 27.66 13.20 -15.12
N THR A 512 27.51 13.59 -13.86
CA THR A 512 27.16 14.99 -13.60
C THR A 512 28.30 15.94 -13.95
N TYR A 513 29.53 15.43 -14.09
CA TYR A 513 30.64 16.27 -14.52
C TYR A 513 30.32 16.96 -15.84
N ASN A 514 29.49 16.33 -16.68
CA ASN A 514 29.16 16.88 -17.99
C ASN A 514 28.20 18.05 -17.89
N LEU A 515 27.64 18.34 -16.71
CA LEU A 515 26.70 19.45 -16.58
C LEU A 515 27.40 20.80 -16.36
N TRP A 516 28.65 20.78 -15.88
CA TRP A 516 29.34 22.02 -15.55
C TRP A 516 29.54 22.89 -16.78
N ASN A 517 29.74 22.29 -17.95
CA ASN A 517 29.97 23.06 -19.18
C ASN A 517 28.68 23.62 -19.77
N THR A 518 27.52 23.32 -19.20
CA THR A 518 26.32 24.04 -19.58
C THR A 518 26.34 25.48 -19.06
N PHE A 519 27.30 25.81 -18.19
CA PHE A 519 27.45 27.16 -17.67
C PHE A 519 28.51 27.92 -18.46
#